data_6B1C
#
_entry.id   6B1C
#
_cell.length_a   95.959
_cell.length_b   95.959
_cell.length_c   104.063
_cell.angle_alpha   90.00
_cell.angle_beta   90.00
_cell.angle_gamma   120.00
#
_symmetry.space_group_name_H-M   'P 31 2 1'
#
loop_
_entity.id
_entity.type
_entity.pdbx_description
1 polymer 'Macrophage migration inhibitory factor'
2 non-polymer 'SULFATE ION'
3 non-polymer 2-[1-(3-fluoro-4-hydroxyphenyl)-1H-1,2,3-triazol-4-yl]-7-methyl-1,7-naphthyridin-8(7H)-one
4 water water
#
_entity_poly.entity_id   1
_entity_poly.type   'polypeptide(L)'
_entity_poly.pdbx_seq_one_letter_code
;PMFIVNTNVPRASVPDGFLSELTQQLAQATGKPPQYIAVHVVPDQLMAFGGSSEPCALCSLHSIGKIGGAQNRSYSKLLC
GLLAERLRISPDRVYINYYDMNAANVGWNNSTFA
;
_entity_poly.pdbx_strand_id   A,B,C
#
# COMPACT_ATOMS: atom_id res chain seq x y z
N PRO A 1 -3.04 -5.50 14.49
CA PRO A 1 -3.65 -4.97 13.26
C PRO A 1 -2.94 -3.77 12.71
N MET A 2 -3.16 -3.52 11.42
CA MET A 2 -2.51 -2.43 10.71
C MET A 2 -3.57 -1.62 9.96
N PHE A 3 -3.68 -0.34 10.28
CA PHE A 3 -4.68 0.51 9.65
C PHE A 3 -3.99 1.69 9.02
N ILE A 4 -4.21 1.89 7.72
CA ILE A 4 -3.56 2.92 6.92
C ILE A 4 -4.62 3.80 6.26
N VAL A 5 -4.42 5.12 6.30
CA VAL A 5 -5.29 6.08 5.63
C VAL A 5 -4.45 6.93 4.68
N ASN A 6 -4.73 6.84 3.39
N ASN A 6 -4.76 6.86 3.40
CA ASN A 6 -4.22 7.81 2.44
CA ASN A 6 -4.23 7.78 2.40
C ASN A 6 -5.33 8.79 2.09
C ASN A 6 -5.32 8.78 2.02
N THR A 7 -5.01 10.07 2.06
CA THR A 7 -6.03 11.08 1.81
C THR A 7 -5.43 12.34 1.21
N ASN A 8 -6.28 13.09 0.49
CA ASN A 8 -5.91 14.37 -0.09
C ASN A 8 -6.17 15.54 0.85
N VAL A 9 -6.78 15.28 2.01
CA VAL A 9 -6.90 16.27 3.09
C VAL A 9 -5.50 16.73 3.48
N PRO A 10 -5.24 18.03 3.56
CA PRO A 10 -3.89 18.50 3.90
C PRO A 10 -3.48 18.12 5.33
N ARG A 11 -2.16 18.13 5.55
CA ARG A 11 -1.60 17.71 6.84
C ARG A 11 -2.14 18.54 7.99
N ALA A 12 -2.29 19.86 7.79
CA ALA A 12 -2.74 20.73 8.87
C ALA A 12 -4.16 20.40 9.33
N SER A 13 -4.93 19.68 8.51
CA SER A 13 -6.29 19.34 8.86
C SER A 13 -6.42 17.96 9.49
N VAL A 14 -5.31 17.25 9.68
CA VAL A 14 -5.29 16.01 10.46
C VAL A 14 -5.05 16.37 11.91
N PRO A 15 -6.01 16.16 12.80
CA PRO A 15 -5.80 16.57 14.20
C PRO A 15 -4.64 15.81 14.81
N ASP A 16 -3.97 16.43 15.77
CA ASP A 16 -2.81 15.82 16.42
C ASP A 16 -3.17 14.52 17.13
N GLY A 17 -4.41 14.37 17.59
CA GLY A 17 -4.82 13.20 18.33
C GLY A 17 -5.45 12.11 17.49
N PHE A 18 -5.43 12.25 16.15
CA PHE A 18 -6.14 11.29 15.31
C PHE A 18 -5.53 9.89 15.38
N LEU A 19 -4.20 9.77 15.38
CA LEU A 19 -3.59 8.45 15.47
C LEU A 19 -3.99 7.75 16.77
N SER A 20 -3.89 8.46 17.89
CA SER A 20 -4.26 7.84 19.17
C SER A 20 -5.74 7.50 19.21
N GLU A 21 -6.58 8.37 18.63
CA GLU A 21 -8.01 8.07 18.62
C GLU A 21 -8.29 6.81 17.81
N LEU A 22 -7.67 6.70 16.63
CA LEU A 22 -7.85 5.51 15.81
C LEU A 22 -7.36 4.28 16.57
N THR A 23 -6.19 4.39 17.21
CA THR A 23 -5.65 3.25 17.95
C THR A 23 -6.67 2.71 18.95
N GLN A 24 -7.17 3.59 19.83
CA GLN A 24 -8.09 3.19 20.88
C GLN A 24 -9.37 2.60 20.30
N GLN A 25 -9.99 3.31 19.35
CA GLN A 25 -11.22 2.82 18.73
C GLN A 25 -11.01 1.49 18.03
N LEU A 26 -9.92 1.34 17.28
CA LEU A 26 -9.67 0.04 16.64
C LEU A 26 -9.41 -1.05 17.66
N ALA A 27 -8.77 -0.71 18.79
CA ALA A 27 -8.51 -1.73 19.81
C ALA A 27 -9.82 -2.27 20.37
N GLN A 28 -10.78 -1.39 20.63
CA GLN A 28 -12.09 -1.86 21.07
C GLN A 28 -12.82 -2.63 19.97
N ALA A 29 -12.79 -2.11 18.75
CA ALA A 29 -13.54 -2.74 17.66
C ALA A 29 -13.07 -4.16 17.39
N THR A 30 -11.76 -4.41 17.47
CA THR A 30 -11.21 -5.72 17.16
C THR A 30 -11.05 -6.63 18.37
N GLY A 31 -11.21 -6.10 19.58
CA GLY A 31 -10.97 -6.88 20.77
C GLY A 31 -9.52 -7.30 20.94
N LYS A 32 -8.60 -6.43 20.52
CA LYS A 32 -7.17 -6.71 20.61
C LYS A 32 -6.51 -5.62 21.44
N PRO A 33 -5.44 -5.95 22.18
CA PRO A 33 -4.77 -4.94 23.02
C PRO A 33 -4.30 -3.77 22.18
N PRO A 34 -4.43 -2.54 22.71
CA PRO A 34 -3.93 -1.37 21.97
C PRO A 34 -2.46 -1.46 21.59
N GLN A 35 -1.65 -2.19 22.35
CA GLN A 35 -0.22 -2.24 22.07
C GLN A 35 0.08 -2.80 20.69
N TYR A 36 -0.80 -3.64 20.16
CA TYR A 36 -0.55 -4.28 18.89
C TYR A 36 -1.18 -3.57 17.71
N ILE A 37 -1.87 -2.45 17.93
CA ILE A 37 -2.53 -1.71 16.85
C ILE A 37 -1.54 -0.73 16.25
N ALA A 38 -1.34 -0.81 14.94
CA ALA A 38 -0.53 0.17 14.23
C ALA A 38 -1.42 0.97 13.30
N VAL A 39 -1.18 2.28 13.25
CA VAL A 39 -1.99 3.23 12.51
C VAL A 39 -1.07 4.16 11.73
N HIS A 40 -1.46 4.49 10.51
CA HIS A 40 -0.63 5.23 9.58
C HIS A 40 -1.55 6.15 8.77
N VAL A 41 -1.30 7.46 8.80
CA VAL A 41 -2.11 8.45 8.09
C VAL A 41 -1.21 9.22 7.13
N VAL A 42 -1.57 9.23 5.85
CA VAL A 42 -0.76 9.84 4.80
C VAL A 42 -1.56 10.96 4.15
N PRO A 43 -1.34 12.22 4.57
CA PRO A 43 -2.10 13.35 4.00
C PRO A 43 -1.51 13.91 2.71
N ASP A 44 -2.15 14.97 2.20
CA ASP A 44 -1.68 15.75 1.05
C ASP A 44 -1.50 14.89 -0.20
N GLN A 45 -2.26 13.81 -0.30
CA GLN A 45 -2.10 12.89 -1.41
C GLN A 45 -2.77 13.42 -2.68
N LEU A 46 -2.15 13.11 -3.82
CA LEU A 46 -2.71 13.41 -5.14
C LEU A 46 -3.63 12.25 -5.50
N MET A 47 -4.92 12.43 -5.28
CA MET A 47 -5.87 11.36 -5.56
C MET A 47 -7.20 11.95 -6.02
N ALA A 48 -8.02 11.09 -6.61
CA ALA A 48 -9.36 11.42 -7.02
C ALA A 48 -10.27 10.24 -6.73
N PHE A 49 -11.54 10.54 -6.51
CA PHE A 49 -12.56 9.52 -6.24
C PHE A 49 -13.74 9.85 -7.14
N GLY A 50 -14.12 8.90 -7.98
CA GLY A 50 -15.16 9.17 -8.97
C GLY A 50 -14.82 10.29 -9.91
N GLY A 51 -13.52 10.49 -10.20
CA GLY A 51 -13.13 11.60 -11.05
C GLY A 51 -13.16 12.97 -10.41
N SER A 52 -13.46 13.05 -9.11
CA SER A 52 -13.53 14.30 -8.39
C SER A 52 -12.38 14.38 -7.39
N SER A 53 -11.87 15.60 -7.18
CA SER A 53 -10.78 15.86 -6.26
C SER A 53 -11.25 16.40 -4.92
N GLU A 54 -12.55 16.36 -4.65
CA GLU A 54 -13.06 16.62 -3.32
C GLU A 54 -12.39 15.66 -2.32
N PRO A 55 -12.39 16.01 -1.03
CA PRO A 55 -11.73 15.15 -0.03
C PRO A 55 -12.23 13.72 -0.09
N CYS A 56 -11.28 12.78 -0.01
CA CYS A 56 -11.57 11.36 -0.09
C CYS A 56 -10.47 10.61 0.67
N ALA A 57 -10.67 9.30 0.84
CA ALA A 57 -9.70 8.49 1.56
C ALA A 57 -9.70 7.08 0.99
N LEU A 58 -8.49 6.53 0.87
CA LEU A 58 -8.27 5.12 0.51
C LEU A 58 -7.54 4.50 1.69
N CYS A 59 -8.10 3.43 2.22
CA CYS A 59 -7.72 2.89 3.52
C CYS A 59 -7.57 1.38 3.40
N SER A 60 -6.93 0.80 4.40
CA SER A 60 -6.78 -0.63 4.50
C SER A 60 -6.68 -1.02 5.97
N LEU A 61 -7.27 -2.17 6.31
CA LEU A 61 -7.16 -2.74 7.63
C LEU A 61 -6.66 -4.17 7.48
N HIS A 62 -5.46 -4.45 7.98
CA HIS A 62 -4.90 -5.79 8.01
C HIS A 62 -5.04 -6.38 9.40
N SER A 63 -5.45 -7.64 9.48
CA SER A 63 -5.54 -8.26 10.79
C SER A 63 -5.47 -9.79 10.65
N ILE A 64 -4.91 -10.42 11.68
CA ILE A 64 -4.96 -11.87 11.82
C ILE A 64 -6.27 -12.19 12.53
N GLY A 65 -7.27 -12.62 11.79
CA GLY A 65 -8.59 -12.83 12.36
C GLY A 65 -9.33 -11.51 12.52
N LYS A 66 -10.52 -11.63 13.11
CA LYS A 66 -11.40 -10.49 13.34
C LYS A 66 -11.74 -9.76 12.04
N ILE A 67 -11.78 -10.49 10.92
CA ILE A 67 -12.14 -9.95 9.62
C ILE A 67 -13.23 -10.86 9.06
N GLY A 68 -14.25 -10.28 8.45
CA GLY A 68 -15.35 -11.09 7.94
C GLY A 68 -16.53 -10.21 7.57
N GLY A 69 -17.50 -10.83 6.89
CA GLY A 69 -18.63 -10.11 6.35
C GLY A 69 -19.28 -9.13 7.32
N ALA A 70 -19.71 -9.62 8.48
CA ALA A 70 -20.44 -8.75 9.39
C ALA A 70 -19.49 -7.79 10.09
N GLN A 71 -18.32 -8.28 10.51
CA GLN A 71 -17.36 -7.41 11.18
C GLN A 71 -16.93 -6.27 10.28
N ASN A 72 -16.72 -6.55 8.99
CA ASN A 72 -16.28 -5.51 8.08
C ASN A 72 -17.36 -4.42 7.90
N ARG A 73 -18.64 -4.81 7.84
CA ARG A 73 -19.70 -3.80 7.79
C ARG A 73 -19.68 -2.93 9.04
N SER A 74 -19.44 -3.54 10.20
CA SER A 74 -19.28 -2.76 11.42
C SER A 74 -18.07 -1.83 11.35
N TYR A 75 -16.92 -2.33 10.87
CA TYR A 75 -15.73 -1.49 10.80
C TYR A 75 -15.93 -0.29 9.88
N SER A 76 -16.59 -0.49 8.73
CA SER A 76 -16.81 0.62 7.81
C SER A 76 -17.57 1.74 8.50
N LYS A 77 -18.56 1.40 9.33
CA LYS A 77 -19.33 2.42 10.05
C LYS A 77 -18.44 3.17 11.03
N LEU A 78 -17.67 2.43 11.83
CA LEU A 78 -16.75 3.07 12.77
C LEU A 78 -15.76 3.98 12.06
N LEU A 79 -15.19 3.53 10.95
CA LEU A 79 -14.11 4.28 10.30
C LEU A 79 -14.66 5.43 9.47
N CYS A 80 -15.78 5.21 8.78
CA CYS A 80 -16.44 6.34 8.11
C CYS A 80 -16.82 7.42 9.12
N GLY A 81 -17.25 7.01 10.32
CA GLY A 81 -17.59 8.00 11.34
C GLY A 81 -16.40 8.84 11.76
N LEU A 82 -15.27 8.18 12.04
CA LEU A 82 -14.05 8.89 12.41
C LEU A 82 -13.56 9.79 11.29
N LEU A 83 -13.50 9.26 10.07
CA LEU A 83 -13.03 10.07 8.94
C LEU A 83 -13.97 11.23 8.68
N ALA A 84 -15.28 11.00 8.76
CA ALA A 84 -16.23 12.09 8.56
C ALA A 84 -16.08 13.17 9.63
N GLU A 85 -16.01 12.78 10.90
CA GLU A 85 -15.93 13.82 11.93
C GLU A 85 -14.55 14.48 11.98
N ARG A 86 -13.47 13.68 12.02
CA ARG A 86 -12.15 14.27 12.24
C ARG A 86 -11.52 14.86 10.98
N LEU A 87 -11.79 14.29 9.81
CA LEU A 87 -11.19 14.76 8.56
C LEU A 87 -12.19 15.40 7.61
N ARG A 88 -13.48 15.44 7.96
CA ARG A 88 -14.51 16.09 7.14
C ARG A 88 -14.60 15.44 5.76
N ILE A 89 -14.46 14.12 5.70
CA ILE A 89 -14.56 13.38 4.45
C ILE A 89 -15.94 12.74 4.39
N SER A 90 -16.63 12.93 3.27
CA SER A 90 -17.94 12.33 3.10
C SER A 90 -17.81 10.81 3.02
N PRO A 91 -18.70 10.07 3.69
CA PRO A 91 -18.51 8.61 3.76
C PRO A 91 -18.62 7.88 2.44
N ASP A 92 -19.29 8.47 1.44
CA ASP A 92 -19.35 7.84 0.13
C ASP A 92 -18.11 8.14 -0.71
N ARG A 93 -17.11 8.78 -0.12
CA ARG A 93 -15.80 8.98 -0.73
C ARG A 93 -14.71 8.24 0.05
N VAL A 94 -15.08 7.15 0.73
CA VAL A 94 -14.17 6.37 1.55
C VAL A 94 -14.19 4.93 1.05
N TYR A 95 -13.00 4.39 0.78
CA TYR A 95 -12.77 2.99 0.44
C TYR A 95 -11.85 2.37 1.49
N ILE A 96 -12.20 1.17 1.96
CA ILE A 96 -11.40 0.44 2.94
C ILE A 96 -11.24 -0.99 2.44
N ASN A 97 -10.01 -1.37 2.08
CA ASN A 97 -9.70 -2.76 1.76
C ASN A 97 -9.40 -3.52 3.05
N TYR A 98 -10.14 -4.60 3.31
CA TYR A 98 -9.93 -5.44 4.49
C TYR A 98 -9.11 -6.66 4.09
N TYR A 99 -8.13 -7.00 4.93
CA TYR A 99 -7.28 -8.16 4.65
C TYR A 99 -7.24 -9.07 5.87
N ASP A 100 -7.68 -10.30 5.70
CA ASP A 100 -7.55 -11.33 6.72
C ASP A 100 -6.21 -12.02 6.48
N MET A 101 -5.20 -11.67 7.28
CA MET A 101 -3.84 -12.16 7.05
C MET A 101 -3.60 -13.47 7.81
N ASN A 102 -2.99 -14.43 7.14
CA ASN A 102 -2.47 -15.61 7.82
C ASN A 102 -1.36 -15.19 8.78
N ALA A 103 -1.37 -15.78 9.99
CA ALA A 103 -0.31 -15.48 10.95
C ALA A 103 1.09 -15.75 10.38
N ALA A 104 1.22 -16.73 9.49
CA ALA A 104 2.55 -17.02 8.93
C ALA A 104 3.01 -15.95 7.94
N ASN A 105 2.10 -15.08 7.48
CA ASN A 105 2.44 -14.01 6.56
C ASN A 105 2.51 -12.65 7.23
N VAL A 106 2.68 -12.61 8.56
CA VAL A 106 2.81 -11.34 9.28
C VAL A 106 4.09 -11.41 10.10
N GLY A 107 5.12 -10.67 9.68
CA GLY A 107 6.33 -10.60 10.44
C GLY A 107 6.29 -9.54 11.52
N TRP A 108 6.99 -9.81 12.61
CA TRP A 108 7.04 -8.96 13.78
C TRP A 108 8.14 -9.49 14.68
N ASN A 109 8.97 -8.58 15.20
CA ASN A 109 9.94 -8.91 16.26
C ASN A 109 10.88 -10.05 15.87
N ASN A 110 11.44 -9.96 14.66
CA ASN A 110 12.40 -10.91 14.09
C ASN A 110 11.78 -12.24 13.68
N SER A 111 10.47 -12.42 13.83
CA SER A 111 9.85 -13.68 13.45
C SER A 111 8.50 -13.36 12.80
N THR A 112 7.63 -14.37 12.71
CA THR A 112 6.24 -14.18 12.37
C THR A 112 5.38 -14.61 13.55
N PHE A 113 4.07 -14.37 13.44
CA PHE A 113 3.12 -14.80 14.47
C PHE A 113 2.75 -16.29 14.38
N ALA A 114 3.23 -17.01 13.36
CA ALA A 114 2.94 -18.45 13.28
C ALA A 114 3.93 -19.24 14.11
N PRO B 1 -13.24 0.24 -8.36
CA PRO B 1 -11.82 -0.12 -8.35
C PRO B 1 -10.91 0.96 -7.74
N MET B 2 -9.69 0.55 -7.42
CA MET B 2 -8.68 1.43 -6.86
C MET B 2 -7.38 1.19 -7.60
N PHE B 3 -6.74 2.27 -8.06
CA PHE B 3 -5.46 2.18 -8.75
C PHE B 3 -4.49 3.17 -8.11
N ILE B 4 -3.34 2.66 -7.66
CA ILE B 4 -2.28 3.46 -7.04
C ILE B 4 -1.02 3.36 -7.90
N VAL B 5 -0.33 4.49 -8.07
CA VAL B 5 1.01 4.55 -8.67
C VAL B 5 1.97 5.17 -7.67
N ASN B 6 3.01 4.43 -7.30
CA ASN B 6 4.16 4.99 -6.58
C ASN B 6 5.36 5.07 -7.52
N THR B 7 5.98 6.25 -7.62
CA THR B 7 7.04 6.48 -8.58
C THR B 7 8.04 7.49 -8.04
N ASN B 8 9.28 7.41 -8.52
CA ASN B 8 10.32 8.38 -8.20
C ASN B 8 10.34 9.59 -9.13
N VAL B 9 9.56 9.56 -10.21
CA VAL B 9 9.35 10.70 -11.10
C VAL B 9 8.91 11.91 -10.28
N PRO B 10 9.38 13.12 -10.58
CA PRO B 10 9.03 14.28 -9.74
C PRO B 10 7.58 14.71 -9.90
N ARG B 11 7.06 15.34 -8.85
CA ARG B 11 5.70 15.87 -8.86
C ARG B 11 5.43 16.69 -10.13
N ALA B 12 6.40 17.53 -10.52
CA ALA B 12 6.23 18.43 -11.65
C ALA B 12 6.05 17.71 -13.00
N SER B 13 6.40 16.43 -13.09
CA SER B 13 6.24 15.71 -14.36
C SER B 13 4.89 15.02 -14.49
N VAL B 14 3.99 15.18 -13.51
CA VAL B 14 2.66 14.59 -13.58
C VAL B 14 1.74 15.57 -14.31
N PRO B 15 1.21 15.21 -15.48
CA PRO B 15 0.34 16.14 -16.21
C PRO B 15 -0.92 16.45 -15.42
N ASP B 16 -1.45 17.66 -15.63
N ASP B 16 -1.36 17.70 -15.55
CA ASP B 16 -2.58 18.14 -14.83
CA ASP B 16 -2.70 18.05 -15.09
C ASP B 16 -3.79 17.21 -14.94
C ASP B 16 -3.72 17.24 -15.87
N GLY B 17 -4.08 16.73 -16.15
N GLY B 17 -4.70 16.70 -15.16
CA GLY B 17 -5.25 15.88 -16.36
CA GLY B 17 -5.65 15.80 -15.76
C GLY B 17 -4.98 14.39 -16.23
C GLY B 17 -5.22 14.34 -15.80
N PHE B 18 -3.97 14.03 -15.45
CA PHE B 18 -3.56 12.62 -15.39
C PHE B 18 -4.52 11.79 -14.54
N LEU B 19 -4.96 12.32 -13.40
CA LEU B 19 -5.94 11.60 -12.59
C LEU B 19 -7.22 11.38 -13.37
N SER B 20 -7.70 12.42 -14.06
CA SER B 20 -8.91 12.26 -14.86
C SER B 20 -8.71 11.22 -15.95
N GLU B 21 -7.56 11.23 -16.61
CA GLU B 21 -7.30 10.28 -17.68
C GLU B 21 -7.25 8.84 -17.17
N LEU B 22 -6.65 8.60 -16.02
CA LEU B 22 -6.62 7.25 -15.45
C LEU B 22 -8.04 6.80 -15.09
N THR B 23 -8.84 7.71 -14.52
CA THR B 23 -10.21 7.37 -14.19
C THR B 23 -10.98 6.97 -15.43
N GLN B 24 -10.93 7.80 -16.48
CA GLN B 24 -11.67 7.51 -17.70
C GLN B 24 -11.19 6.24 -18.37
N GLN B 25 -9.87 6.04 -18.47
CA GLN B 25 -9.34 4.85 -19.12
C GLN B 25 -9.62 3.58 -18.33
N LEU B 26 -9.62 3.64 -16.99
CA LEU B 26 -9.91 2.44 -16.22
C LEU B 26 -11.40 2.09 -16.25
N ALA B 27 -12.26 3.09 -16.38
CA ALA B 27 -13.69 2.80 -16.56
C ALA B 27 -13.91 2.03 -17.85
N GLN B 28 -13.30 2.52 -18.94
CA GLN B 28 -13.39 1.84 -20.22
C GLN B 28 -12.81 0.42 -20.15
N ALA B 29 -11.66 0.26 -19.48
CA ALA B 29 -10.96 -1.02 -19.48
C ALA B 29 -11.66 -2.05 -18.59
N THR B 30 -12.20 -1.62 -17.46
CA THR B 30 -12.87 -2.54 -16.55
C THR B 30 -14.39 -2.59 -16.77
N GLY B 31 -14.99 -1.56 -17.36
CA GLY B 31 -16.43 -1.52 -17.48
C GLY B 31 -17.16 -1.13 -16.22
N LYS B 32 -16.45 -0.90 -15.12
CA LYS B 32 -17.06 -0.39 -13.90
C LYS B 32 -17.42 1.08 -14.06
N PRO B 33 -18.45 1.55 -13.35
CA PRO B 33 -18.86 2.96 -13.46
C PRO B 33 -17.74 3.88 -13.02
N PRO B 34 -17.52 4.99 -13.72
CA PRO B 34 -16.45 5.91 -13.32
C PRO B 34 -16.66 6.51 -11.93
N GLN B 35 -17.92 6.60 -11.47
CA GLN B 35 -18.21 7.15 -10.16
C GLN B 35 -17.58 6.33 -9.04
N TYR B 36 -17.23 5.07 -9.31
CA TYR B 36 -16.69 4.18 -8.29
C TYR B 36 -15.19 3.93 -8.45
N ILE B 37 -14.51 4.69 -9.32
CA ILE B 37 -13.09 4.51 -9.59
C ILE B 37 -12.29 5.56 -8.82
N ALA B 38 -11.40 5.10 -7.95
CA ALA B 38 -10.46 5.96 -7.24
C ALA B 38 -9.07 5.76 -7.83
N VAL B 39 -8.34 6.87 -8.00
CA VAL B 39 -6.98 6.84 -8.51
C VAL B 39 -6.08 7.63 -7.55
N HIS B 40 -4.83 7.18 -7.43
CA HIS B 40 -3.90 7.71 -6.43
C HIS B 40 -2.50 7.70 -7.03
N VAL B 41 -1.85 8.87 -7.08
CA VAL B 41 -0.52 9.01 -7.68
C VAL B 41 0.42 9.60 -6.64
N VAL B 42 1.54 8.93 -6.39
CA VAL B 42 2.49 9.30 -5.35
C VAL B 42 3.86 9.48 -6.00
N PRO B 43 4.25 10.72 -6.31
CA PRO B 43 5.55 10.95 -6.98
C PRO B 43 6.67 11.24 -5.99
N ASP B 44 7.87 11.50 -6.50
CA ASP B 44 9.04 11.86 -5.70
C ASP B 44 9.41 10.80 -4.66
N GLN B 45 9.11 9.53 -4.96
CA GLN B 45 9.42 8.46 -4.00
C GLN B 45 10.87 8.02 -4.07
N LEU B 46 11.42 7.67 -2.92
CA LEU B 46 12.74 7.05 -2.83
C LEU B 46 12.60 5.57 -3.18
N MET B 47 12.95 5.19 -4.40
CA MET B 47 12.79 3.79 -4.76
C MET B 47 13.87 3.37 -5.74
N ALA B 48 14.06 2.06 -5.84
CA ALA B 48 14.96 1.47 -6.82
C ALA B 48 14.28 0.26 -7.43
N PHE B 49 14.64 -0.02 -8.67
CA PHE B 49 14.13 -1.14 -9.43
C PHE B 49 15.33 -1.79 -10.07
N GLY B 50 15.57 -3.06 -9.75
CA GLY B 50 16.75 -3.72 -10.27
C GLY B 50 18.04 -3.08 -9.85
N GLY B 51 18.06 -2.42 -8.69
CA GLY B 51 19.24 -1.76 -8.18
C GLY B 51 19.46 -0.38 -8.73
N SER B 52 18.60 0.08 -9.63
CA SER B 52 18.80 1.33 -10.35
C SER B 52 17.75 2.34 -9.94
N SER B 53 18.13 3.61 -9.89
CA SER B 53 17.25 4.69 -9.49
C SER B 53 16.72 5.48 -10.69
N GLU B 54 16.83 4.92 -11.89
CA GLU B 54 16.16 5.49 -13.06
C GLU B 54 14.65 5.45 -12.83
N PRO B 55 13.88 6.23 -13.59
CA PRO B 55 12.43 6.26 -13.38
C PRO B 55 11.83 4.86 -13.37
N CYS B 56 10.97 4.61 -12.38
CA CYS B 56 10.26 3.34 -12.21
C CYS B 56 8.92 3.62 -11.52
N ALA B 57 8.06 2.60 -11.48
CA ALA B 57 6.80 2.71 -10.75
C ALA B 57 6.43 1.36 -10.15
N LEU B 58 5.85 1.40 -8.96
CA LEU B 58 5.21 0.26 -8.32
C LEU B 58 3.74 0.61 -8.14
N CYS B 59 2.87 -0.22 -8.70
CA CYS B 59 1.45 0.12 -8.83
C CYS B 59 0.60 -1.04 -8.34
N SER B 60 -0.69 -0.75 -8.13
CA SER B 60 -1.64 -1.81 -7.80
C SER B 60 -3.00 -1.45 -8.38
N LEU B 61 -3.76 -2.48 -8.71
CA LEU B 61 -5.15 -2.34 -9.10
C LEU B 61 -5.97 -3.31 -8.27
N HIS B 62 -6.86 -2.78 -7.43
CA HIS B 62 -7.85 -3.60 -6.74
C HIS B 62 -9.20 -3.45 -7.42
N SER B 63 -9.93 -4.56 -7.52
CA SER B 63 -11.24 -4.55 -8.12
C SER B 63 -12.01 -5.77 -7.62
N ILE B 64 -13.32 -5.62 -7.52
CA ILE B 64 -14.21 -6.75 -7.28
C ILE B 64 -14.53 -7.35 -8.65
N GLY B 65 -13.91 -8.49 -8.95
CA GLY B 65 -14.01 -9.07 -10.27
C GLY B 65 -13.26 -8.26 -11.33
N LYS B 66 -13.42 -8.69 -12.57
CA LYS B 66 -12.75 -8.08 -13.73
C LYS B 66 -11.24 -8.22 -13.62
N ILE B 67 -10.77 -9.24 -12.89
CA ILE B 67 -9.36 -9.53 -12.69
C ILE B 67 -9.12 -10.96 -13.14
N GLY B 68 -8.12 -11.14 -14.00
CA GLY B 68 -7.81 -12.47 -14.52
C GLY B 68 -6.69 -12.41 -15.54
N GLY B 69 -6.24 -13.61 -15.92
CA GLY B 69 -5.13 -13.78 -16.85
C GLY B 69 -5.17 -12.81 -18.01
N ALA B 70 -6.18 -12.94 -18.87
CA ALA B 70 -6.22 -12.11 -20.07
C ALA B 70 -6.43 -10.64 -19.72
N GLN B 71 -7.35 -10.35 -18.80
CA GLN B 71 -7.65 -8.95 -18.47
C GLN B 71 -6.43 -8.26 -17.89
N ASN B 72 -5.65 -8.97 -17.05
CA ASN B 72 -4.49 -8.34 -16.44
C ASN B 72 -3.44 -7.97 -17.48
N ARG B 73 -3.28 -8.79 -18.53
CA ARG B 73 -2.35 -8.42 -19.59
C ARG B 73 -2.85 -7.19 -20.35
N SER B 74 -4.15 -7.13 -20.62
CA SER B 74 -4.72 -5.93 -21.22
C SER B 74 -4.53 -4.70 -20.31
N TYR B 75 -4.82 -4.85 -19.01
CA TYR B 75 -4.61 -3.71 -18.11
C TYR B 75 -3.15 -3.27 -18.11
N SER B 76 -2.23 -4.23 -18.12
CA SER B 76 -0.80 -3.90 -18.05
C SER B 76 -0.37 -3.08 -19.25
N LYS B 77 -0.79 -3.50 -20.46
CA LYS B 77 -0.48 -2.73 -21.65
C LYS B 77 -1.07 -1.33 -21.56
N LEU B 78 -2.33 -1.21 -21.12
CA LEU B 78 -2.96 0.09 -21.00
C LEU B 78 -2.19 0.98 -20.03
N LEU B 79 -1.92 0.45 -18.83
CA LEU B 79 -1.34 1.27 -17.78
C LEU B 79 0.13 1.56 -18.03
N CYS B 80 0.90 0.56 -18.49
CA CYS B 80 2.31 0.81 -18.82
C CYS B 80 2.40 1.84 -19.94
N GLY B 81 1.51 1.76 -20.92
CA GLY B 81 1.49 2.74 -21.99
C GLY B 81 1.20 4.12 -21.46
N LEU B 82 0.25 4.22 -20.52
CA LEU B 82 -0.04 5.53 -19.92
C LEU B 82 1.14 6.06 -19.13
N LEU B 83 1.84 5.20 -18.39
CA LEU B 83 2.99 5.65 -17.61
C LEU B 83 4.18 5.98 -18.50
N ALA B 84 4.28 5.34 -19.66
CA ALA B 84 5.36 5.68 -20.58
C ALA B 84 5.09 7.01 -21.25
N GLU B 85 3.87 7.22 -21.72
CA GLU B 85 3.58 8.45 -22.46
C GLU B 85 3.53 9.65 -21.53
N ARG B 86 2.91 9.52 -20.36
CA ARG B 86 2.68 10.69 -19.50
C ARG B 86 3.79 10.92 -18.48
N LEU B 87 4.42 9.87 -17.98
CA LEU B 87 5.47 10.04 -16.98
C LEU B 87 6.84 9.66 -17.49
N ARG B 88 6.95 9.19 -18.73
CA ARG B 88 8.23 8.83 -19.34
C ARG B 88 8.96 7.74 -18.54
N ILE B 89 8.19 6.78 -18.04
CA ILE B 89 8.72 5.62 -17.34
C ILE B 89 8.71 4.45 -18.32
N SER B 90 9.83 3.75 -18.38
CA SER B 90 9.90 2.60 -19.27
C SER B 90 9.02 1.45 -18.75
N PRO B 91 8.24 0.80 -19.61
CA PRO B 91 7.40 -0.32 -19.15
C PRO B 91 8.17 -1.44 -18.46
N ASP B 92 9.44 -1.65 -18.83
CA ASP B 92 10.24 -2.70 -18.18
C ASP B 92 10.69 -2.30 -16.79
N ARG B 93 10.35 -1.10 -16.33
CA ARG B 93 10.66 -0.70 -14.97
C ARG B 93 9.38 -0.39 -14.20
N VAL B 94 8.29 -1.11 -14.53
CA VAL B 94 7.01 -0.99 -13.86
C VAL B 94 6.60 -2.36 -13.32
N TYR B 95 6.15 -2.41 -12.08
CA TYR B 95 5.40 -3.56 -11.57
C TYR B 95 3.96 -3.14 -11.27
N ILE B 96 3.02 -4.04 -11.51
CA ILE B 96 1.61 -3.80 -11.20
C ILE B 96 1.06 -5.04 -10.55
N ASN B 97 0.73 -4.95 -9.26
CA ASN B 97 0.06 -6.03 -8.56
C ASN B 97 -1.45 -5.90 -8.71
N TYR B 98 -2.09 -6.98 -9.17
CA TYR B 98 -3.54 -7.05 -9.33
C TYR B 98 -4.15 -7.81 -8.16
N TYR B 99 -5.27 -7.29 -7.64
CA TYR B 99 -5.96 -7.91 -6.51
C TYR B 99 -7.44 -8.05 -6.82
N ASP B 100 -7.91 -9.30 -6.83
CA ASP B 100 -9.33 -9.61 -6.97
C ASP B 100 -9.90 -9.65 -5.56
N MET B 101 -10.61 -8.60 -5.17
CA MET B 101 -11.11 -8.49 -3.81
C MET B 101 -12.51 -9.07 -3.67
N ASN B 102 -12.76 -9.76 -2.56
CA ASN B 102 -14.10 -10.20 -2.25
C ASN B 102 -14.95 -8.99 -1.86
N ALA B 103 -16.20 -8.98 -2.33
CA ALA B 103 -17.07 -7.83 -2.09
C ALA B 103 -17.23 -7.52 -0.60
N ALA B 104 -17.14 -8.54 0.26
CA ALA B 104 -17.25 -8.37 1.69
C ALA B 104 -16.00 -7.76 2.31
N ASN B 105 -14.89 -7.71 1.56
CA ASN B 105 -13.63 -7.16 2.02
C ASN B 105 -13.35 -5.79 1.43
N VAL B 106 -14.35 -5.15 0.83
CA VAL B 106 -14.23 -3.78 0.32
C VAL B 106 -15.26 -2.95 1.06
N GLY B 107 -14.82 -2.11 1.99
CA GLY B 107 -15.71 -1.21 2.70
C GLY B 107 -15.94 0.09 1.94
N TRP B 108 -17.16 0.57 1.97
CA TRP B 108 -17.55 1.81 1.32
C TRP B 108 -18.80 2.30 2.04
N ASN B 109 -18.91 3.63 2.20
CA ASN B 109 -20.05 4.31 2.83
C ASN B 109 -20.73 3.47 3.89
N ASN B 110 -20.05 3.25 5.01
CA ASN B 110 -20.65 2.66 6.20
C ASN B 110 -21.12 1.23 6.00
N SER B 111 -20.57 0.52 5.01
CA SER B 111 -20.94 -0.87 4.77
C SER B 111 -19.85 -1.52 3.93
N THR B 112 -20.14 -2.68 3.37
CA THR B 112 -19.31 -3.27 2.33
C THR B 112 -20.15 -3.43 1.06
N PHE B 113 -19.51 -3.92 0.00
CA PHE B 113 -20.19 -4.15 -1.26
C PHE B 113 -20.83 -5.53 -1.34
N ALA B 114 -20.70 -6.36 -0.29
CA ALA B 114 -21.30 -7.68 -0.31
C ALA B 114 -22.83 -7.55 -0.25
N PRO C 1 10.73 -9.54 -6.94
CA PRO C 1 10.11 -9.20 -5.67
C PRO C 1 10.03 -7.70 -5.42
N MET C 2 9.25 -7.29 -4.42
CA MET C 2 9.04 -5.88 -4.11
C MET C 2 8.97 -5.74 -2.60
N PHE C 3 9.85 -4.92 -2.04
CA PHE C 3 9.85 -4.66 -0.61
C PHE C 3 9.60 -3.18 -0.40
N ILE C 4 8.64 -2.87 0.47
CA ILE C 4 8.26 -1.50 0.79
C ILE C 4 8.37 -1.33 2.30
N VAL C 5 9.02 -0.26 2.74
CA VAL C 5 9.02 0.09 4.15
C VAL C 5 8.50 1.52 4.30
N ASN C 6 7.52 1.68 5.17
CA ASN C 6 6.99 2.97 5.57
C ASN C 6 7.40 3.19 7.01
N THR C 7 7.95 4.36 7.32
CA THR C 7 8.46 4.55 8.66
C THR C 7 8.38 6.02 9.03
N ASN C 8 8.23 6.27 10.33
CA ASN C 8 8.29 7.61 10.87
C ASN C 8 9.71 8.10 11.12
N VAL C 9 10.72 7.26 10.86
CA VAL C 9 12.13 7.71 10.92
C VAL C 9 12.39 8.79 9.88
N PRO C 10 13.06 9.88 10.22
CA PRO C 10 13.26 10.96 9.23
C PRO C 10 14.18 10.55 8.08
N ARG C 11 14.02 11.27 6.97
CA ARG C 11 14.77 10.95 5.75
C ARG C 11 16.27 11.02 5.99
N ALA C 12 16.73 12.00 6.79
CA ALA C 12 18.16 12.17 7.01
C ALA C 12 18.79 11.03 7.80
N SER C 13 17.98 10.19 8.47
CA SER C 13 18.50 9.02 9.17
C SER C 13 18.59 7.77 8.30
N VAL C 14 18.16 7.81 7.05
CA VAL C 14 18.32 6.65 6.17
C VAL C 14 19.74 6.70 5.61
N PRO C 15 20.58 5.72 5.92
CA PRO C 15 21.98 5.83 5.48
C PRO C 15 22.06 5.71 3.98
N ASP C 16 23.02 6.46 3.42
CA ASP C 16 23.40 6.28 2.03
C ASP C 16 23.69 4.81 1.75
N GLY C 17 23.21 4.35 0.59
CA GLY C 17 23.35 2.96 0.23
C GLY C 17 22.27 2.04 0.74
N PHE C 18 21.30 2.53 1.52
CA PHE C 18 20.29 1.66 2.14
C PHE C 18 19.51 0.87 1.09
N LEU C 19 19.04 1.53 0.03
CA LEU C 19 18.27 0.82 -0.99
C LEU C 19 19.12 -0.22 -1.71
N SER C 20 20.41 0.07 -1.93
CA SER C 20 21.30 -0.92 -2.52
C SER C 20 21.48 -2.13 -1.61
N GLU C 21 21.74 -1.91 -0.32
CA GLU C 21 21.84 -3.04 0.60
C GLU C 21 20.55 -3.87 0.61
N LEU C 22 19.39 -3.22 0.64
CA LEU C 22 18.14 -3.98 0.63
C LEU C 22 18.03 -4.79 -0.66
N THR C 23 18.26 -4.15 -1.80
CA THR C 23 18.28 -4.88 -3.07
C THR C 23 19.19 -6.11 -2.97
N GLN C 24 20.40 -5.94 -2.44
CA GLN C 24 21.38 -7.02 -2.42
C GLN C 24 20.98 -8.11 -1.44
N GLN C 25 20.52 -7.74 -0.25
CA GLN C 25 20.16 -8.75 0.75
C GLN C 25 18.91 -9.52 0.33
N LEU C 26 17.95 -8.84 -0.26
CA LEU C 26 16.73 -9.52 -0.70
C LEU C 26 17.00 -10.44 -1.88
N ALA C 27 17.89 -10.04 -2.79
CA ALA C 27 18.29 -10.93 -3.87
C ALA C 27 18.82 -12.23 -3.30
N GLN C 28 19.70 -12.14 -2.30
CA GLN C 28 20.24 -13.35 -1.69
C GLN C 28 19.16 -14.12 -0.95
N ALA C 29 18.29 -13.41 -0.22
CA ALA C 29 17.32 -14.10 0.64
C ALA C 29 16.27 -14.82 -0.18
N THR C 30 15.83 -14.23 -1.29
CA THR C 30 14.80 -14.83 -2.12
C THR C 30 15.34 -15.73 -3.21
N GLY C 31 16.63 -15.66 -3.52
CA GLY C 31 17.16 -16.44 -4.62
C GLY C 31 16.88 -15.87 -5.99
N LYS C 32 16.34 -14.68 -6.07
CA LYS C 32 16.01 -13.95 -7.28
C LYS C 32 17.15 -13.02 -7.67
N PRO C 33 17.43 -12.87 -8.96
CA PRO C 33 18.45 -11.92 -9.38
C PRO C 33 18.10 -10.53 -8.91
N PRO C 34 19.10 -9.70 -8.59
CA PRO C 34 18.80 -8.33 -8.13
C PRO C 34 18.06 -7.49 -9.16
N GLN C 35 18.16 -7.84 -10.45
CA GLN C 35 17.45 -7.12 -11.50
C GLN C 35 15.95 -7.12 -11.27
N TYR C 36 15.43 -8.18 -10.67
CA TYR C 36 13.99 -8.33 -10.47
C TYR C 36 13.51 -7.73 -9.15
N ILE C 37 14.42 -7.21 -8.32
CA ILE C 37 14.07 -6.73 -6.98
C ILE C 37 13.78 -5.24 -7.05
N ALA C 38 12.62 -4.83 -6.54
CA ALA C 38 12.27 -3.43 -6.37
C ALA C 38 12.18 -3.09 -4.89
N VAL C 39 12.61 -1.88 -4.53
CA VAL C 39 12.63 -1.48 -3.13
C VAL C 39 12.12 -0.04 -3.04
N HIS C 40 11.45 0.26 -1.94
CA HIS C 40 10.70 1.49 -1.79
C HIS C 40 10.74 1.86 -0.31
N VAL C 41 11.30 3.02 0.00
CA VAL C 41 11.53 3.44 1.38
C VAL C 41 10.81 4.77 1.55
N VAL C 42 9.89 4.84 2.50
CA VAL C 42 9.05 6.02 2.71
C VAL C 42 9.28 6.54 4.12
N PRO C 43 10.13 7.55 4.29
CA PRO C 43 10.42 8.06 5.64
C PRO C 43 9.49 9.20 6.03
N ASP C 44 9.63 9.75 7.24
CA ASP C 44 8.91 10.94 7.70
C ASP C 44 7.40 10.73 7.76
N GLN C 45 6.95 9.49 7.91
CA GLN C 45 5.53 9.17 7.91
C GLN C 45 4.89 9.47 9.26
N LEU C 46 3.63 9.87 9.21
CA LEU C 46 2.82 10.05 10.41
C LEU C 46 2.24 8.69 10.79
N MET C 47 2.84 8.03 11.79
CA MET C 47 2.36 6.72 12.18
C MET C 47 2.60 6.47 13.66
N ALA C 48 1.94 5.44 14.18
CA ALA C 48 2.13 5.04 15.56
C ALA C 48 2.05 3.53 15.67
N PHE C 49 2.70 3.00 16.69
CA PHE C 49 2.69 1.57 16.98
C PHE C 49 2.36 1.41 18.46
N GLY C 50 1.21 0.79 18.74
CA GLY C 50 0.76 0.72 20.12
C GLY C 50 0.45 2.07 20.74
N GLY C 51 0.01 3.04 19.93
CA GLY C 51 -0.28 4.36 20.46
C GLY C 51 0.93 5.17 20.84
N SER C 52 2.13 4.68 20.56
CA SER C 52 3.36 5.42 20.78
C SER C 52 3.91 5.90 19.45
N SER C 53 4.46 7.11 19.43
CA SER C 53 5.05 7.66 18.23
C SER C 53 6.55 7.39 18.13
N GLU C 54 7.12 6.53 18.99
CA GLU C 54 8.52 6.15 18.88
C GLU C 54 8.76 5.45 17.53
N PRO C 55 10.02 5.34 17.09
CA PRO C 55 10.29 4.81 15.75
C PRO C 55 9.67 3.44 15.52
N CYS C 56 9.05 3.27 14.36
CA CYS C 56 8.38 2.04 14.00
C CYS C 56 8.37 1.95 12.47
N ALA C 57 7.93 0.81 11.95
CA ALA C 57 7.91 0.59 10.50
C ALA C 57 6.79 -0.37 10.15
N LEU C 58 6.13 -0.09 9.03
CA LEU C 58 5.12 -0.98 8.45
C LEU C 58 5.60 -1.34 7.05
N CYS C 59 5.75 -2.63 6.79
CA CYS C 59 6.44 -3.09 5.59
C CYS C 59 5.59 -4.13 4.89
N SER C 60 5.93 -4.37 3.62
CA SER C 60 5.38 -5.50 2.90
C SER C 60 6.45 -6.08 1.98
N LEU C 61 6.37 -7.39 1.75
CA LEU C 61 7.22 -8.06 0.77
C LEU C 61 6.31 -8.88 -0.12
N HIS C 62 6.25 -8.54 -1.40
CA HIS C 62 5.51 -9.29 -2.41
C HIS C 62 6.49 -10.11 -3.24
N SER C 63 6.15 -11.39 -3.46
CA SER C 63 6.99 -12.23 -4.29
C SER C 63 6.13 -13.26 -4.99
N ILE C 64 6.48 -13.57 -6.24
CA ILE C 64 5.93 -14.71 -6.96
C ILE C 64 6.65 -15.95 -6.45
N GLY C 65 6.03 -16.68 -5.52
CA GLY C 65 6.70 -17.77 -4.86
C GLY C 65 7.69 -17.26 -3.83
N LYS C 66 8.42 -18.22 -3.24
CA LYS C 66 9.45 -17.94 -2.22
C LYS C 66 8.85 -17.27 -0.98
N ILE C 67 7.61 -17.62 -0.65
CA ILE C 67 6.86 -17.14 0.52
C ILE C 67 6.32 -18.34 1.26
N GLY C 68 6.53 -18.39 2.57
CA GLY C 68 5.99 -19.51 3.34
C GLY C 68 6.42 -19.45 4.80
N GLY C 69 5.98 -20.44 5.56
CA GLY C 69 6.24 -20.51 6.99
C GLY C 69 7.66 -20.18 7.40
N ALA C 70 8.60 -21.07 7.06
CA ALA C 70 9.98 -20.90 7.49
C ALA C 70 10.65 -19.72 6.78
N GLN C 71 10.35 -19.55 5.48
CA GLN C 71 10.98 -18.47 4.73
C GLN C 71 10.61 -17.10 5.31
N ASN C 72 9.34 -16.91 5.70
CA ASN C 72 8.93 -15.60 6.20
C ASN C 72 9.58 -15.30 7.55
N ARG C 73 9.74 -16.32 8.41
CA ARG C 73 10.54 -16.13 9.63
C ARG C 73 11.93 -15.64 9.27
N SER C 74 12.54 -16.25 8.26
CA SER C 74 13.88 -15.88 7.84
C SER C 74 13.94 -14.45 7.30
N TYR C 75 12.99 -14.09 6.43
CA TYR C 75 12.88 -12.71 5.97
C TYR C 75 12.71 -11.74 7.14
N SER C 76 11.94 -12.15 8.17
CA SER C 76 11.64 -11.22 9.25
C SER C 76 12.87 -10.99 10.12
N LYS C 77 13.64 -12.04 10.39
CA LYS C 77 14.91 -11.87 11.08
C LYS C 77 15.85 -10.97 10.29
N LEU C 78 15.96 -11.21 8.98
CA LEU C 78 16.83 -10.38 8.16
C LEU C 78 16.36 -8.94 8.13
N LEU C 79 15.07 -8.73 7.86
CA LEU C 79 14.57 -7.36 7.64
C LEU C 79 14.48 -6.58 8.96
N CYS C 80 13.97 -7.20 10.03
CA CYS C 80 14.02 -6.53 11.32
C CYS C 80 15.46 -6.23 11.72
N GLY C 81 16.39 -7.15 11.43
CA GLY C 81 17.80 -6.89 11.72
C GLY C 81 18.29 -5.62 11.05
N LEU C 82 18.03 -5.50 9.74
CA LEU C 82 18.49 -4.32 9.01
C LEU C 82 17.82 -3.05 9.51
N LEU C 83 16.51 -3.10 9.78
CA LEU C 83 15.82 -1.89 10.24
C LEU C 83 16.35 -1.45 11.61
N ALA C 84 16.69 -2.41 12.47
CA ALA C 84 17.27 -2.08 13.76
C ALA C 84 18.66 -1.47 13.58
N GLU C 85 19.48 -2.08 12.73
CA GLU C 85 20.88 -1.65 12.65
C GLU C 85 21.02 -0.38 11.83
N ARG C 86 20.34 -0.28 10.69
CA ARG C 86 20.50 0.90 9.85
C ARG C 86 19.58 2.04 10.27
N LEU C 87 18.34 1.74 10.69
CA LEU C 87 17.38 2.81 11.00
C LEU C 87 17.12 2.98 12.49
N ARG C 88 17.67 2.12 13.35
CA ARG C 88 17.52 2.24 14.80
C ARG C 88 16.07 2.02 15.24
N ILE C 89 15.38 1.09 14.58
CA ILE C 89 14.00 0.78 14.88
C ILE C 89 13.96 -0.55 15.60
N SER C 90 13.40 -0.53 16.80
CA SER C 90 13.25 -1.76 17.58
C SER C 90 12.42 -2.81 16.82
N PRO C 91 12.81 -4.09 16.87
CA PRO C 91 12.11 -5.11 16.08
C PRO C 91 10.67 -5.35 16.52
N ASP C 92 10.32 -5.10 17.77
CA ASP C 92 8.95 -5.27 18.19
C ASP C 92 8.08 -4.06 17.85
N ARG C 93 8.59 -3.14 17.03
CA ARG C 93 7.83 -2.03 16.46
C ARG C 93 7.84 -2.09 14.93
N VAL C 94 7.90 -3.31 14.38
CA VAL C 94 7.93 -3.54 12.95
C VAL C 94 6.84 -4.55 12.62
N TYR C 95 6.02 -4.22 11.62
CA TYR C 95 5.13 -5.19 11.00
C TYR C 95 5.52 -5.39 9.55
N ILE C 96 5.47 -6.64 9.08
CA ILE C 96 5.76 -6.97 7.70
C ILE C 96 4.65 -7.87 7.19
N ASN C 97 3.98 -7.44 6.13
CA ASN C 97 2.99 -8.28 5.46
C ASN C 97 3.67 -8.99 4.30
N TYR C 98 3.50 -10.31 4.25
CA TYR C 98 4.03 -11.14 3.19
C TYR C 98 2.91 -11.53 2.22
N TYR C 99 3.17 -11.37 0.92
CA TYR C 99 2.21 -11.71 -0.12
C TYR C 99 2.88 -12.61 -1.16
N ASP C 100 2.34 -13.82 -1.30
CA ASP C 100 2.66 -14.74 -2.39
C ASP C 100 1.74 -14.41 -3.57
N MET C 101 2.29 -13.71 -4.57
CA MET C 101 1.54 -13.26 -5.72
C MET C 101 1.50 -14.33 -6.80
N ASN C 102 0.35 -14.50 -7.42
CA ASN C 102 0.28 -15.37 -8.59
C ASN C 102 0.85 -14.63 -9.78
N ALA C 103 1.66 -15.34 -10.58
CA ALA C 103 2.30 -14.69 -11.73
C ALA C 103 1.30 -13.98 -12.63
N ALA C 104 0.08 -14.52 -12.76
CA ALA C 104 -0.92 -13.87 -13.61
C ALA C 104 -1.37 -12.53 -13.03
N ASN C 105 -1.10 -12.29 -11.75
CA ASN C 105 -1.50 -11.07 -11.07
C ASN C 105 -0.34 -10.09 -10.88
N VAL C 106 0.73 -10.22 -11.67
CA VAL C 106 1.87 -9.30 -11.59
C VAL C 106 2.12 -8.79 -12.99
N GLY C 107 1.84 -7.51 -13.22
CA GLY C 107 2.10 -6.90 -14.50
C GLY C 107 3.50 -6.29 -14.54
N TRP C 108 4.08 -6.30 -15.73
CA TRP C 108 5.45 -5.85 -16.00
C TRP C 108 5.62 -5.76 -17.50
N ASN C 109 6.26 -4.70 -17.97
CA ASN C 109 6.67 -4.56 -19.36
C ASN C 109 5.53 -4.92 -20.33
N ASN C 110 4.42 -4.20 -20.15
CA ASN C 110 3.20 -4.23 -20.97
C ASN C 110 2.44 -5.54 -20.91
N SER C 111 2.86 -6.51 -20.11
CA SER C 111 2.16 -7.79 -20.02
C SER C 111 2.14 -8.24 -18.57
N THR C 112 1.95 -9.55 -18.33
CA THR C 112 2.13 -10.16 -17.03
C THR C 112 3.05 -11.37 -17.16
N PHE C 113 3.50 -11.87 -16.03
CA PHE C 113 4.46 -12.97 -15.95
C PHE C 113 3.83 -14.34 -16.16
N ALA C 114 2.54 -14.42 -16.49
CA ALA C 114 1.93 -15.72 -16.82
C ALA C 114 1.76 -15.83 -18.32
#